data_3DLP
#
_entry.id   3DLP
#
_cell.length_a   127.922
_cell.length_b   127.922
_cell.length_c   71.230
_cell.angle_alpha   90.00
_cell.angle_beta   90.00
_cell.angle_gamma   120.00
#
_symmetry.space_group_name_H-M   'P 32 2 1'
#
loop_
_entity.id
_entity.type
_entity.pdbx_description
1 polymer '4-Chlorobenzoate CoA Ligase/Synthetase'
2 non-polymer '4-CHLORO-BENZOIC ACID'
3 water water
#
_entity_poly.entity_id   1
_entity_poly.type   'polypeptide(L)'
_entity_poly.pdbx_seq_one_letter_code
;MQTVNEMLRRAATRAPDHCALAVPARGLRLTHAELRARVEAVAARLHADGLRPQQRVAVVAPNSADVVIAILALHRLGAV
PALLNPRLKSAELAELIKRGEMTAAVIAVGRQVADAIFQSGSGARIIFLGDLVRDGEPYSYGPPIEDPQREPAQPAFIFY
TSGTTGLPKAAIIPQRAAESRVLFMSTQVGLRHGRHNVVLGLMPLYHVVGFFAVLVAALALDGTYVVVEEFRPVDALQLV
QQEQVTSLFATPTHLDALAAAAAHAGSSLKLDSLRHVTFAGATMPDAVLETVHQHLPGEKVNIYGTTEAMNSLYMRQPKT
GTEMAPGFFSEVRIVRIGGGVDEIVANGEEGELIVAASDSAFVGYLNQPQATAEKLQDGWYRTSDVAVWTPEGTVRILGR
VPDMIISGGENIHPSEIERVLGTAPGVTEVVVIGLADQRWGQSVTACVVPRLGETLSADALDTFCRSSELADFKRPKRYF
ILDQLPKNALNKVLRRQLVQQVSS
;
_entity_poly.pdbx_strand_id   X
#
loop_
_chem_comp.id
_chem_comp.type
_chem_comp.name
_chem_comp.formula
174 non-polymer '4-CHLORO-BENZOIC ACID' 'C7 H5 Cl O2'
#
# COMPACT_ATOMS: atom_id res chain seq x y z
N MET A 1 -22.23 -8.41 -10.18
CA MET A 1 -21.19 -7.61 -9.44
C MET A 1 -21.65 -6.17 -9.21
N GLN A 2 -20.85 -5.43 -8.45
CA GLN A 2 -21.07 -4.01 -8.22
C GLN A 2 -19.73 -3.29 -8.41
N THR A 3 -19.61 -2.56 -9.52
CA THR A 3 -18.35 -1.89 -9.88
C THR A 3 -18.11 -0.65 -9.03
N VAL A 4 -16.90 -0.09 -9.13
CA VAL A 4 -16.57 1.13 -8.39
C VAL A 4 -17.60 2.18 -8.76
N ASN A 5 -17.68 2.49 -10.06
CA ASN A 5 -18.63 3.49 -10.54
C ASN A 5 -20.05 3.24 -10.06
N GLU A 6 -20.48 1.99 -10.15
CA GLU A 6 -21.82 1.59 -9.74
C GLU A 6 -22.02 1.73 -8.23
N MET A 7 -20.98 1.47 -7.43
CA MET A 7 -21.04 1.71 -5.99
C MET A 7 -21.23 3.20 -5.70
N LEU A 8 -20.46 4.04 -6.38
CA LEU A 8 -20.48 5.49 -6.17
C LEU A 8 -21.75 6.13 -6.70
N ARG A 9 -22.24 5.59 -7.82
CA ARG A 9 -23.46 6.08 -8.44
C ARG A 9 -24.64 5.81 -7.51
N ARG A 10 -24.67 4.62 -6.92
CA ARG A 10 -25.76 4.24 -6.02
C ARG A 10 -25.77 5.08 -4.76
N ALA A 11 -24.58 5.26 -4.17
CA ALA A 11 -24.36 6.14 -3.04
C ALA A 11 -24.93 7.53 -3.33
N ALA A 12 -24.54 8.08 -4.49
CA ALA A 12 -25.03 9.38 -4.95
C ALA A 12 -26.55 9.52 -4.93
N THR A 13 -27.26 8.44 -5.25
CA THR A 13 -28.73 8.48 -5.25
C THR A 13 -29.29 8.44 -3.82
N ARG A 14 -28.57 7.75 -2.94
CA ARG A 14 -29.00 7.63 -1.55
C ARG A 14 -28.70 8.88 -0.72
N ALA A 15 -27.58 9.56 -1.02
CA ALA A 15 -27.14 10.69 -0.21
C ALA A 15 -26.61 11.86 -1.05
N PRO A 16 -27.47 12.42 -1.93
CA PRO A 16 -27.01 13.41 -2.91
C PRO A 16 -26.51 14.72 -2.29
N ASP A 17 -27.10 15.13 -1.18
CA ASP A 17 -26.77 16.41 -0.55
C ASP A 17 -25.88 16.26 0.69
N HIS A 18 -25.28 15.08 0.86
CA HIS A 18 -24.35 14.84 1.97
C HIS A 18 -22.90 15.07 1.53
N CYS A 19 -22.05 15.53 2.45
CA CYS A 19 -20.64 15.82 2.16
C CYS A 19 -19.89 14.55 1.71
N ALA A 20 -19.35 14.59 0.50
CA ALA A 20 -18.65 13.44 -0.09
C ALA A 20 -17.14 13.59 0.01
N LEU A 21 -16.64 14.78 -0.30
CA LEU A 21 -15.22 15.02 -0.39
C LEU A 21 -14.87 16.43 0.13
N ALA A 22 -13.88 16.48 1.02
CA ALA A 22 -13.53 17.71 1.72
C ALA A 22 -12.04 17.97 1.77
N VAL A 23 -11.64 19.20 1.41
CA VAL A 23 -10.30 19.69 1.64
C VAL A 23 -10.39 20.87 2.61
N PRO A 24 -10.42 20.58 3.93
CA PRO A 24 -10.70 21.58 4.98
C PRO A 24 -9.65 22.69 5.09
N ALA A 25 -8.42 22.40 4.69
CA ALA A 25 -7.36 23.41 4.65
C ALA A 25 -7.55 24.35 3.47
N ARG A 26 -8.06 23.80 2.37
CA ARG A 26 -8.28 24.55 1.14
C ARG A 26 -9.70 25.08 1.03
N GLY A 27 -10.51 24.78 2.05
CA GLY A 27 -11.91 25.23 2.10
C GLY A 27 -12.84 24.58 1.10
N LEU A 28 -12.41 23.48 0.49
CA LEU A 28 -13.19 22.81 -0.56
C LEU A 28 -14.15 21.74 -0.03
N ARG A 29 -15.42 21.88 -0.37
CA ARG A 29 -16.48 20.95 0.04
C ARG A 29 -17.31 20.49 -1.16
N LEU A 30 -17.39 19.17 -1.34
CA LEU A 30 -18.19 18.60 -2.42
C LEU A 30 -19.17 17.54 -1.90
N THR A 31 -20.43 17.65 -2.28
CA THR A 31 -21.44 16.66 -1.93
C THR A 31 -21.40 15.51 -2.93
N HIS A 32 -22.11 14.42 -2.62
CA HIS A 32 -22.18 13.27 -3.52
C HIS A 32 -22.73 13.61 -4.91
N ALA A 33 -23.84 14.37 -4.95
CA ALA A 33 -24.40 14.82 -6.23
C ALA A 33 -23.46 15.78 -6.98
N GLU A 34 -22.78 16.63 -6.23
CA GLU A 34 -21.81 17.58 -6.79
C GLU A 34 -20.57 16.87 -7.34
N LEU A 35 -20.00 15.94 -6.56
CA LEU A 35 -18.85 15.16 -7.01
C LEU A 35 -19.17 14.40 -8.28
N ARG A 36 -20.33 13.73 -8.30
CA ARG A 36 -20.76 12.97 -9.47
C ARG A 36 -20.86 13.82 -10.73
N ALA A 37 -21.41 15.02 -10.61
CA ALA A 37 -21.55 15.95 -11.75
C ALA A 37 -20.19 16.35 -12.32
N ARG A 38 -19.21 16.54 -11.43
CA ARG A 38 -17.84 16.86 -11.84
C ARG A 38 -17.17 15.65 -12.47
N VAL A 39 -17.43 14.47 -11.90
CA VAL A 39 -16.96 13.21 -12.49
C VAL A 39 -17.54 13.04 -13.90
N GLU A 40 -18.84 13.32 -14.04
CA GLU A 40 -19.55 13.25 -15.33
C GLU A 40 -18.98 14.24 -16.36
N ALA A 41 -18.64 15.45 -15.91
CA ALA A 41 -18.15 16.51 -16.79
C ALA A 41 -16.72 16.27 -17.29
N VAL A 42 -15.83 15.89 -16.38
CA VAL A 42 -14.45 15.55 -16.75
C VAL A 42 -14.42 14.30 -17.64
N ALA A 43 -15.29 13.33 -17.36
CA ALA A 43 -15.43 12.15 -18.22
C ALA A 43 -15.78 12.55 -19.67
N ALA A 44 -16.88 13.28 -19.82
CA ALA A 44 -17.39 13.71 -21.12
C ALA A 44 -16.41 14.62 -21.86
N ARG A 45 -15.56 15.32 -21.11
CA ARG A 45 -14.52 16.15 -21.67
C ARG A 45 -13.36 15.30 -22.19
N LEU A 46 -12.98 14.29 -21.41
CA LEU A 46 -11.94 13.34 -21.81
C LEU A 46 -12.40 12.53 -23.03
N HIS A 47 -13.70 12.24 -23.09
CA HIS A 47 -14.31 11.53 -24.22
C HIS A 47 -14.37 12.42 -25.46
N ALA A 48 -14.69 13.70 -25.25
CA ALA A 48 -14.71 14.69 -26.34
C ALA A 48 -13.33 14.87 -27.00
N ASP A 49 -12.27 14.46 -26.28
CA ASP A 49 -10.90 14.47 -26.82
C ASP A 49 -10.47 13.12 -27.40
N GLY A 50 -11.55 12.22 -27.58
CA GLY A 50 -11.34 10.97 -28.31
C GLY A 50 -10.90 9.76 -27.49
N LEU A 51 -10.95 9.90 -26.17
CA LEU A 51 -10.63 8.78 -25.29
C LEU A 51 -11.79 7.78 -25.23
N ARG A 52 -11.46 6.49 -25.36
CA ARG A 52 -12.44 5.41 -25.45
C ARG A 52 -12.28 4.42 -24.29
N PRO A 53 -13.28 3.53 -24.10
CA PRO A 53 -13.21 2.50 -23.05
C PRO A 53 -12.06 1.52 -23.29
N GLN A 54 -11.60 0.89 -22.21
CA GLN A 54 -10.51 -0.10 -22.24
C GLN A 54 -9.11 0.48 -22.56
N GLN A 55 -9.06 1.77 -22.87
CA GLN A 55 -7.79 2.46 -23.08
C GLN A 55 -7.14 2.79 -21.75
N ARG A 56 -5.83 2.56 -21.66
CA ARG A 56 -5.08 2.72 -20.42
C ARG A 56 -4.54 4.14 -20.27
N VAL A 57 -4.89 4.79 -19.16
CA VAL A 57 -4.39 6.12 -18.86
C VAL A 57 -3.61 6.12 -17.55
N ALA A 58 -2.34 6.50 -17.64
CA ALA A 58 -1.50 6.64 -16.46
C ALA A 58 -1.96 7.84 -15.65
N VAL A 59 -1.90 7.71 -14.33
CA VAL A 59 -2.19 8.83 -13.43
C VAL A 59 -1.05 9.01 -12.44
N VAL A 60 -0.34 10.13 -12.57
CA VAL A 60 0.82 10.44 -11.73
C VAL A 60 0.57 11.76 -11.02
N ALA A 61 0.15 11.68 -9.76
CA ALA A 61 -0.17 12.87 -8.97
C ALA A 61 -0.23 12.57 -7.49
N PRO A 62 0.19 13.54 -6.64
CA PRO A 62 -0.05 13.43 -5.20
C PRO A 62 -1.54 13.54 -4.89
N ASN A 63 -1.93 13.09 -3.70
CA ASN A 63 -3.34 13.11 -3.27
C ASN A 63 -3.98 14.50 -3.37
N SER A 64 -5.18 14.55 -3.94
CA SER A 64 -5.94 15.80 -4.06
C SER A 64 -7.36 15.54 -4.51
N ALA A 65 -8.24 16.50 -4.25
CA ALA A 65 -9.63 16.43 -4.70
C ALA A 65 -9.67 16.19 -6.21
N ASP A 66 -8.82 16.93 -6.91
CA ASP A 66 -8.78 16.92 -8.37
C ASP A 66 -8.32 15.60 -8.96
N VAL A 67 -7.44 14.89 -8.27
CA VAL A 67 -6.98 13.60 -8.77
C VAL A 67 -8.03 12.52 -8.52
N VAL A 68 -8.77 12.65 -7.42
CA VAL A 68 -9.91 11.79 -7.15
C VAL A 68 -10.95 11.99 -8.24
N ILE A 69 -11.31 13.24 -8.49
CA ILE A 69 -12.22 13.59 -9.58
C ILE A 69 -11.74 12.98 -10.89
N ALA A 70 -10.45 13.16 -11.20
CA ALA A 70 -9.89 12.68 -12.46
C ALA A 70 -9.93 11.15 -12.60
N ILE A 71 -9.46 10.44 -11.56
CA ILE A 71 -9.44 8.97 -11.57
C ILE A 71 -10.84 8.40 -11.74
N LEU A 72 -11.79 8.95 -10.99
CA LEU A 72 -13.17 8.48 -11.06
C LEU A 72 -13.82 8.85 -12.39
N ALA A 73 -13.47 10.03 -12.90
CA ALA A 73 -13.92 10.46 -14.23
C ALA A 73 -13.45 9.51 -15.31
N LEU A 74 -12.16 9.19 -15.28
CA LEU A 74 -11.56 8.22 -16.20
C LEU A 74 -12.26 6.86 -16.11
N HIS A 75 -12.59 6.44 -14.89
CA HIS A 75 -13.29 5.18 -14.68
C HIS A 75 -14.73 5.22 -15.18
N ARG A 76 -15.43 6.33 -14.91
CA ARG A 76 -16.80 6.53 -15.37
C ARG A 76 -16.87 6.49 -16.90
N LEU A 77 -15.85 7.03 -17.56
CA LEU A 77 -15.73 7.00 -19.02
C LEU A 77 -15.67 5.57 -19.54
N GLY A 78 -14.86 4.74 -18.90
CA GLY A 78 -14.61 3.37 -19.33
C GLY A 78 -13.13 3.06 -19.44
N ALA A 79 -12.31 4.10 -19.39
CA ALA A 79 -10.85 3.98 -19.43
C ALA A 79 -10.31 3.24 -18.20
N VAL A 80 -9.07 2.78 -18.30
CA VAL A 80 -8.42 2.07 -17.19
C VAL A 80 -7.28 2.91 -16.63
N PRO A 81 -7.51 3.54 -15.45
CA PRO A 81 -6.48 4.30 -14.79
C PRO A 81 -5.32 3.41 -14.34
N ALA A 82 -4.11 3.85 -14.64
CA ALA A 82 -2.90 3.20 -14.16
C ALA A 82 -2.26 4.16 -13.17
N LEU A 83 -2.44 3.87 -11.90
CA LEU A 83 -2.03 4.76 -10.83
C LEU A 83 -0.57 4.54 -10.43
N LEU A 84 0.24 5.60 -10.56
CA LEU A 84 1.69 5.51 -10.38
C LEU A 84 2.18 6.47 -9.31
N ASN A 85 3.05 5.98 -8.44
CA ASN A 85 3.68 6.78 -7.40
C ASN A 85 4.48 7.97 -8.00
N PRO A 86 4.10 9.22 -7.64
CA PRO A 86 4.80 10.41 -8.16
C PRO A 86 6.25 10.54 -7.66
N ARG A 87 6.59 9.83 -6.60
CA ARG A 87 7.95 9.86 -6.06
C ARG A 87 8.93 8.98 -6.84
N LEU A 88 8.44 8.21 -7.81
CA LEU A 88 9.28 7.44 -8.73
C LEU A 88 10.14 8.37 -9.58
N LYS A 89 11.29 7.88 -10.03
CA LYS A 89 12.19 8.66 -10.88
C LYS A 89 11.56 8.92 -12.26
N SER A 90 11.79 10.11 -12.80
CA SER A 90 11.28 10.51 -14.12
C SER A 90 11.43 9.42 -15.18
N ALA A 91 12.64 8.88 -15.32
CA ALA A 91 12.94 7.83 -16.30
C ALA A 91 12.12 6.54 -16.06
N GLU A 92 11.89 6.21 -14.79
CA GLU A 92 11.13 5.02 -14.41
C GLU A 92 9.65 5.18 -14.79
N LEU A 93 9.10 6.36 -14.51
CA LEU A 93 7.71 6.66 -14.84
C LEU A 93 7.48 6.62 -16.35
N ALA A 94 8.46 7.14 -17.10
CA ALA A 94 8.37 7.17 -18.55
C ALA A 94 8.43 5.77 -19.14
N GLU A 95 9.31 4.94 -18.59
CA GLU A 95 9.48 3.58 -19.09
C GLU A 95 8.23 2.72 -18.87
N LEU A 96 7.59 2.89 -17.71
CA LEU A 96 6.38 2.14 -17.36
C LEU A 96 5.15 2.55 -18.20
N ILE A 97 5.11 3.81 -18.61
CA ILE A 97 4.05 4.29 -19.51
C ILE A 97 4.27 3.79 -20.94
N LYS A 98 5.53 3.65 -21.34
CA LYS A 98 5.89 3.02 -22.61
C LYS A 98 5.61 1.52 -22.54
N ARG A 99 6.10 0.88 -21.48
CA ARG A 99 5.92 -0.55 -21.21
C ARG A 99 4.45 -0.96 -21.32
N GLY A 100 3.55 -0.10 -20.84
CA GLY A 100 2.13 -0.41 -20.75
C GLY A 100 1.25 0.09 -21.87
N GLU A 101 1.88 0.60 -22.94
CA GLU A 101 1.17 1.14 -24.11
C GLU A 101 -0.04 1.99 -23.71
N MET A 102 0.21 3.02 -22.90
CA MET A 102 -0.85 3.93 -22.44
C MET A 102 -1.25 4.91 -23.54
N THR A 103 -2.54 5.23 -23.59
CA THR A 103 -3.05 6.19 -24.56
C THR A 103 -2.70 7.63 -24.16
N ALA A 104 -2.92 7.94 -22.87
CA ALA A 104 -2.59 9.25 -22.33
C ALA A 104 -2.06 9.11 -20.90
N ALA A 105 -1.48 10.17 -20.36
CA ALA A 105 -1.02 10.17 -18.97
C ALA A 105 -1.38 11.49 -18.28
N VAL A 106 -2.13 11.37 -17.19
CA VAL A 106 -2.57 12.53 -16.42
C VAL A 106 -1.55 12.84 -15.33
N ILE A 107 -0.95 14.02 -15.41
CA ILE A 107 0.23 14.36 -14.61
C ILE A 107 0.06 15.64 -13.80
N ALA A 108 0.52 15.60 -12.55
CA ALA A 108 0.59 16.79 -11.71
C ALA A 108 1.90 16.82 -10.95
N VAL A 109 2.98 16.47 -11.65
CA VAL A 109 4.35 16.59 -11.13
C VAL A 109 5.04 17.73 -11.88
N GLY A 110 6.36 17.83 -11.74
CA GLY A 110 7.14 18.87 -12.41
C GLY A 110 7.17 18.74 -13.92
N ARG A 111 7.80 19.72 -14.57
CA ARG A 111 7.92 19.72 -16.03
C ARG A 111 8.94 18.68 -16.50
N GLN A 112 9.85 18.30 -15.60
CA GLN A 112 10.88 17.31 -15.89
C GLN A 112 10.28 15.93 -16.14
N VAL A 113 9.25 15.57 -15.39
CA VAL A 113 8.51 14.33 -15.61
C VAL A 113 7.79 14.38 -16.97
N ALA A 114 7.18 15.53 -17.27
CA ALA A 114 6.53 15.75 -18.55
C ALA A 114 7.50 15.70 -19.73
N ASP A 115 8.69 16.28 -19.56
CA ASP A 115 9.75 16.22 -20.56
C ASP A 115 10.25 14.79 -20.77
N ALA A 116 10.47 14.09 -19.66
CA ALA A 116 11.00 12.72 -19.67
C ALA A 116 10.16 11.78 -20.50
N ILE A 117 8.86 11.78 -20.24
CA ILE A 117 7.91 10.93 -20.96
C ILE A 117 7.68 11.41 -22.41
N PHE A 118 7.81 12.72 -22.63
CA PHE A 118 7.68 13.30 -23.96
C PHE A 118 8.79 12.84 -24.90
N GLN A 119 9.98 12.64 -24.34
CA GLN A 119 11.13 12.17 -25.11
C GLN A 119 11.57 10.76 -24.70
N SER A 120 10.57 9.85 -24.61
CA SER A 120 10.83 8.45 -24.23
C SER A 120 10.43 7.47 -25.33
N GLY A 121 9.74 8.01 -26.39
CA GLY A 121 9.23 7.19 -27.48
C GLY A 121 8.06 6.36 -27.01
N SER A 122 7.06 7.06 -26.48
CA SER A 122 5.94 6.41 -25.82
C SER A 122 4.65 6.49 -26.63
N GLY A 123 4.28 7.70 -27.02
CA GLY A 123 2.96 7.95 -27.62
C GLY A 123 1.93 7.95 -26.50
N ALA A 124 1.91 9.05 -25.75
CA ALA A 124 0.96 9.23 -24.65
C ALA A 124 0.65 10.71 -24.49
N ARG A 125 -0.58 11.11 -24.77
CA ARG A 125 -1.00 12.50 -24.66
C ARG A 125 -0.78 13.02 -23.24
N ILE A 126 0.15 13.97 -23.10
CA ILE A 126 0.41 14.60 -21.82
C ILE A 126 -0.76 15.48 -21.43
N ILE A 127 -1.48 15.04 -20.40
CA ILE A 127 -2.57 15.81 -19.84
C ILE A 127 -2.15 16.31 -18.46
N PHE A 128 -2.02 17.62 -18.32
CA PHE A 128 -1.79 18.23 -17.01
C PHE A 128 -3.11 18.19 -16.23
N LEU A 129 -3.03 17.85 -14.95
CA LEU A 129 -4.23 17.73 -14.10
C LEU A 129 -5.05 19.03 -14.01
N GLY A 130 -4.35 20.16 -13.97
CA GLY A 130 -5.01 21.47 -13.89
C GLY A 130 -5.72 21.91 -15.17
N ASP A 131 -5.46 21.21 -16.27
CA ASP A 131 -6.19 21.42 -17.52
C ASP A 131 -7.57 20.79 -17.41
N LEU A 132 -7.64 19.63 -16.74
CA LEU A 132 -8.88 18.87 -16.61
C LEU A 132 -9.79 19.40 -15.51
N VAL A 133 -9.21 19.63 -14.34
CA VAL A 133 -9.97 20.05 -13.15
C VAL A 133 -9.05 20.74 -12.13
N ARG A 134 -9.52 21.86 -11.58
CA ARG A 134 -8.75 22.62 -10.60
C ARG A 134 -9.66 23.12 -9.48
N ASP A 135 -9.26 22.83 -8.24
CA ASP A 135 -10.02 23.21 -7.03
C ASP A 135 -11.47 22.71 -7.08
N GLY A 136 -11.64 21.47 -7.50
CA GLY A 136 -12.97 20.86 -7.64
C GLY A 136 -13.71 21.33 -8.87
N GLU A 137 -13.37 22.50 -9.37
CA GLU A 137 -14.05 23.11 -10.52
C GLU A 137 -13.46 22.59 -11.83
N PRO A 138 -14.26 21.85 -12.61
CA PRO A 138 -13.78 21.24 -13.84
C PRO A 138 -13.80 22.17 -15.05
N TYR A 139 -12.94 21.88 -16.03
CA TYR A 139 -13.05 22.49 -17.35
C TYR A 139 -13.80 21.49 -18.22
N SER A 140 -14.97 21.89 -18.73
CA SER A 140 -15.86 20.95 -19.40
C SER A 140 -16.47 21.45 -20.70
N TYR A 141 -16.40 20.61 -21.73
CA TYR A 141 -17.13 20.83 -22.97
C TYR A 141 -17.68 19.52 -23.53
N GLY A 142 -18.69 19.62 -24.39
CA GLY A 142 -19.35 18.45 -24.95
C GLY A 142 -20.62 18.09 -24.21
N PRO A 143 -21.44 17.20 -24.80
CA PRO A 143 -22.68 16.75 -24.15
C PRO A 143 -22.42 15.62 -23.15
N PRO A 144 -23.39 15.34 -22.25
CA PRO A 144 -23.28 14.17 -21.36
C PRO A 144 -23.04 12.89 -22.17
N ILE A 145 -22.15 12.02 -21.68
CA ILE A 145 -21.74 10.84 -22.45
C ILE A 145 -22.38 9.55 -21.94
N GLU A 146 -22.11 8.45 -22.66
CA GLU A 146 -22.70 7.13 -22.36
C GLU A 146 -21.93 6.38 -21.28
N ASP A 147 -22.65 5.61 -20.47
CA ASP A 147 -22.05 4.70 -19.50
C ASP A 147 -21.88 3.33 -20.14
N PRO A 148 -20.62 2.89 -20.34
CA PRO A 148 -20.33 1.65 -21.09
C PRO A 148 -20.56 0.38 -20.29
N GLN A 149 -20.81 -0.73 -20.98
CA GLN A 149 -20.98 -2.05 -20.37
C GLN A 149 -19.65 -2.51 -19.77
N ARG A 150 -19.73 -3.05 -18.54
CA ARG A 150 -18.57 -3.55 -17.84
C ARG A 150 -18.74 -5.03 -17.51
N GLU A 151 -17.72 -5.83 -17.83
CA GLU A 151 -17.73 -7.27 -17.60
C GLU A 151 -16.87 -7.64 -16.38
N PRO A 152 -17.26 -8.68 -15.62
CA PRO A 152 -16.56 -9.01 -14.37
C PRO A 152 -15.04 -9.20 -14.49
N ALA A 153 -14.58 -9.98 -15.46
CA ALA A 153 -13.15 -10.25 -15.63
C ALA A 153 -12.40 -9.12 -16.33
N GLN A 154 -13.13 -8.13 -16.82
CA GLN A 154 -12.57 -7.02 -17.59
C GLN A 154 -11.65 -6.14 -16.74
N PRO A 155 -10.52 -5.66 -17.32
CA PRO A 155 -9.64 -4.73 -16.60
C PRO A 155 -10.37 -3.46 -16.17
N ALA A 156 -10.09 -2.97 -14.96
CA ALA A 156 -10.74 -1.78 -14.44
C ALA A 156 -9.73 -0.73 -13.97
N PHE A 157 -8.70 -1.18 -13.26
CA PHE A 157 -7.68 -0.30 -12.70
C PHE A 157 -6.35 -1.04 -12.68
N ILE A 158 -5.26 -0.30 -12.79
CA ILE A 158 -3.92 -0.88 -12.76
C ILE A 158 -3.13 -0.24 -11.63
N PHE A 159 -2.64 -1.08 -10.73
CA PHE A 159 -1.78 -0.62 -9.64
C PHE A 159 -0.44 -1.29 -9.73
N TYR A 160 0.60 -0.57 -9.30
CA TYR A 160 1.98 -1.07 -9.46
C TYR A 160 2.55 -1.65 -8.19
N THR A 161 3.34 -2.70 -8.35
CA THR A 161 3.86 -3.41 -7.19
C THR A 161 5.34 -3.72 -7.30
N SER A 162 6.05 -3.52 -6.19
CA SER A 162 7.50 -3.65 -6.18
C SER A 162 7.96 -5.11 -6.06
N GLY A 163 8.32 -5.70 -7.19
CA GLY A 163 8.84 -7.06 -7.21
C GLY A 163 10.28 -7.13 -6.72
N THR A 164 10.87 -8.31 -6.79
CA THR A 164 12.28 -8.49 -6.43
C THR A 164 13.21 -7.95 -7.52
N THR A 165 12.81 -8.17 -8.78
CA THR A 165 13.66 -7.90 -9.95
C THR A 165 14.11 -6.45 -10.10
N GLY A 166 13.21 -5.58 -10.56
CA GLY A 166 13.57 -4.19 -10.87
C GLY A 166 12.36 -3.28 -10.94
N LEU A 167 12.01 -2.86 -12.16
CA LEU A 167 10.86 -1.98 -12.37
C LEU A 167 9.58 -2.58 -11.82
N PRO A 168 8.74 -1.75 -11.15
CA PRO A 168 7.44 -2.18 -10.64
C PRO A 168 6.58 -2.88 -11.68
N LYS A 169 5.95 -3.98 -11.26
CA LYS A 169 5.07 -4.75 -12.11
C LYS A 169 3.65 -4.18 -12.05
N ALA A 170 2.95 -4.19 -13.19
CA ALA A 170 1.64 -3.56 -13.31
C ALA A 170 0.52 -4.58 -13.14
N ALA A 171 -0.05 -4.64 -11.94
CA ALA A 171 -1.09 -5.59 -11.61
C ALA A 171 -2.44 -5.10 -12.13
N ILE A 172 -3.08 -5.93 -12.96
CA ILE A 172 -4.37 -5.57 -13.54
C ILE A 172 -5.54 -6.03 -12.64
N ILE A 173 -6.31 -5.06 -12.16
CA ILE A 173 -7.41 -5.31 -11.22
C ILE A 173 -8.77 -5.32 -11.95
N PRO A 174 -9.43 -6.50 -11.98
CA PRO A 174 -10.66 -6.65 -12.75
C PRO A 174 -11.87 -5.95 -12.11
N GLN A 175 -12.90 -5.68 -12.89
CA GLN A 175 -14.09 -4.99 -12.41
C GLN A 175 -14.70 -5.60 -11.15
N ARG A 176 -14.77 -6.93 -11.12
CA ARG A 176 -15.44 -7.69 -10.07
C ARG A 176 -14.71 -7.66 -8.73
N ALA A 177 -13.50 -7.07 -8.73
CA ALA A 177 -12.64 -7.08 -7.56
C ALA A 177 -12.97 -5.96 -6.59
N ALA A 178 -13.61 -4.91 -7.08
CA ALA A 178 -13.87 -3.71 -6.28
C ALA A 178 -14.69 -3.96 -5.01
N GLU A 179 -15.78 -4.72 -5.12
CA GLU A 179 -16.67 -4.94 -3.98
C GLU A 179 -15.94 -5.49 -2.76
N SER A 180 -15.28 -6.64 -2.92
CA SER A 180 -14.57 -7.26 -1.80
C SER A 180 -13.33 -6.47 -1.39
N ARG A 181 -12.77 -5.68 -2.31
CA ARG A 181 -11.68 -4.75 -1.94
C ARG A 181 -12.19 -3.56 -1.11
N VAL A 182 -13.50 -3.34 -1.13
CA VAL A 182 -14.13 -2.35 -0.27
C VAL A 182 -14.67 -3.00 1.02
N LEU A 183 -15.46 -4.06 0.85
CA LEU A 183 -16.29 -4.64 1.90
C LEU A 183 -15.52 -5.38 3.02
N PHE A 184 -14.23 -5.62 2.84
CA PHE A 184 -13.42 -6.18 3.90
C PHE A 184 -13.26 -5.14 5.01
N MET A 185 -13.35 -3.86 4.65
CA MET A 185 -13.34 -2.77 5.64
C MET A 185 -14.60 -2.82 6.50
N SER A 186 -15.63 -3.51 6.00
CA SER A 186 -16.81 -3.71 6.79
C SER A 186 -16.71 -5.02 7.58
N THR A 187 -16.37 -6.12 6.90
CA THR A 187 -16.37 -7.45 7.51
C THR A 187 -15.20 -7.68 8.49
N GLN A 188 -14.03 -7.13 8.17
CA GLN A 188 -12.87 -7.27 9.04
C GLN A 188 -12.75 -6.09 9.98
N VAL A 189 -12.92 -4.89 9.44
CA VAL A 189 -12.55 -3.70 10.19
C VAL A 189 -13.75 -3.16 10.95
N GLY A 190 -14.95 -3.39 10.45
CA GLY A 190 -16.17 -3.08 11.21
C GLY A 190 -16.84 -1.78 10.84
N LEU A 191 -16.47 -1.22 9.70
CA LEU A 191 -17.18 -0.06 9.17
C LEU A 191 -18.56 -0.52 8.74
N ARG A 192 -19.53 0.37 8.84
CA ARG A 192 -20.89 0.05 8.40
C ARG A 192 -21.40 1.18 7.51
N HIS A 193 -22.48 0.94 6.79
CA HIS A 193 -23.06 1.98 5.95
C HIS A 193 -23.59 3.11 6.83
N GLY A 194 -23.47 4.34 6.37
CA GLY A 194 -23.98 5.47 7.13
C GLY A 194 -23.24 6.77 6.90
N ARG A 195 -24.00 7.85 6.99
CA ARG A 195 -23.49 9.21 6.78
C ARG A 195 -22.63 9.69 7.95
N HIS A 196 -22.55 8.88 9.00
CA HIS A 196 -21.61 9.14 10.09
C HIS A 196 -20.15 8.96 9.63
N ASN A 197 -19.92 8.15 8.61
CA ASN A 197 -18.57 7.82 8.11
C ASN A 197 -17.74 9.02 7.65
N VAL A 198 -16.70 9.34 8.41
CA VAL A 198 -15.75 10.39 8.04
C VAL A 198 -14.36 9.77 8.08
N VAL A 199 -13.73 9.70 6.90
CA VAL A 199 -12.53 8.88 6.68
C VAL A 199 -11.36 9.76 6.28
N LEU A 200 -10.31 9.73 7.11
CA LEU A 200 -9.11 10.55 6.86
C LEU A 200 -8.25 9.84 5.81
N GLY A 201 -7.98 10.52 4.71
CA GLY A 201 -7.23 9.97 3.61
C GLY A 201 -5.73 10.17 3.70
N LEU A 202 -5.10 9.50 4.67
CA LEU A 202 -3.64 9.53 4.86
C LEU A 202 -2.88 8.58 3.93
N MET A 203 -3.57 7.60 3.36
CA MET A 203 -2.95 6.62 2.47
C MET A 203 -2.95 7.14 1.04
N PRO A 204 -1.83 7.00 0.32
CA PRO A 204 -1.75 7.53 -1.04
C PRO A 204 -2.74 6.85 -1.98
N LEU A 205 -3.25 7.60 -2.96
CA LEU A 205 -4.26 7.08 -3.88
C LEU A 205 -3.69 6.12 -4.91
N TYR A 206 -2.37 6.14 -5.07
CA TYR A 206 -1.70 5.18 -5.97
C TYR A 206 -1.62 3.77 -5.38
N HIS A 207 -1.87 3.63 -4.08
CA HIS A 207 -1.88 2.32 -3.43
C HIS A 207 -3.32 1.80 -3.27
N VAL A 208 -3.50 0.49 -3.41
CA VAL A 208 -4.84 -0.11 -3.43
C VAL A 208 -5.64 0.16 -2.16
N VAL A 209 -4.94 0.20 -1.02
CA VAL A 209 -5.58 0.51 0.25
C VAL A 209 -6.08 1.94 0.18
N GLY A 210 -5.21 2.82 -0.31
CA GLY A 210 -5.54 4.24 -0.45
C GLY A 210 -6.73 4.42 -1.36
N PHE A 211 -6.85 3.60 -2.39
CA PHE A 211 -7.94 3.76 -3.34
C PHE A 211 -9.23 3.02 -2.93
N PHE A 212 -9.18 1.69 -2.81
CA PHE A 212 -10.38 0.89 -2.56
C PHE A 212 -10.83 0.96 -1.10
N ALA A 213 -9.89 0.73 -0.20
CA ALA A 213 -10.16 0.56 1.23
C ALA A 213 -10.44 1.88 1.93
N VAL A 214 -9.96 2.98 1.35
CA VAL A 214 -10.13 4.30 1.95
C VAL A 214 -11.03 5.24 1.12
N LEU A 215 -10.62 5.60 -0.10
CA LEU A 215 -11.45 6.49 -0.91
C LEU A 215 -12.79 5.87 -1.28
N VAL A 216 -12.77 4.79 -2.04
CA VAL A 216 -14.01 4.17 -2.53
C VAL A 216 -14.90 3.76 -1.34
N ALA A 217 -14.32 3.09 -0.35
CA ALA A 217 -15.08 2.70 0.85
C ALA A 217 -15.80 3.89 1.46
N ALA A 218 -15.07 4.99 1.66
CA ALA A 218 -15.65 6.18 2.28
C ALA A 218 -16.88 6.64 1.50
N LEU A 219 -16.76 6.71 0.19
CA LEU A 219 -17.86 7.15 -0.67
C LEU A 219 -18.96 6.11 -0.77
N ALA A 220 -18.57 4.84 -0.91
CA ALA A 220 -19.53 3.75 -1.13
C ALA A 220 -20.44 3.53 0.09
N LEU A 221 -19.94 3.92 1.26
CA LEU A 221 -20.72 3.85 2.51
C LEU A 221 -21.51 5.13 2.78
N ASP A 222 -21.58 6.00 1.77
CA ASP A 222 -22.32 7.27 1.85
C ASP A 222 -21.70 8.24 2.85
N GLY A 223 -20.39 8.12 3.04
CA GLY A 223 -19.65 8.96 3.97
C GLY A 223 -18.80 10.00 3.25
N THR A 224 -17.87 10.58 4.00
CA THR A 224 -17.01 11.65 3.49
C THR A 224 -15.56 11.21 3.48
N TYR A 225 -14.85 11.57 2.42
CA TYR A 225 -13.43 11.37 2.32
C TYR A 225 -12.69 12.68 2.59
N VAL A 226 -11.84 12.68 3.61
CA VAL A 226 -11.05 13.85 3.96
C VAL A 226 -9.71 13.79 3.24
N VAL A 227 -9.53 14.70 2.28
CA VAL A 227 -8.31 14.78 1.50
C VAL A 227 -7.15 15.28 2.35
N VAL A 228 -5.98 14.68 2.16
CA VAL A 228 -4.74 15.24 2.71
C VAL A 228 -3.65 15.29 1.64
N GLU A 229 -3.23 16.51 1.31
CA GLU A 229 -2.18 16.70 0.33
C GLU A 229 -0.81 16.38 0.91
N GLU A 230 -0.62 16.64 2.20
CA GLU A 230 0.66 16.42 2.88
C GLU A 230 0.47 16.04 4.34
N PHE A 231 1.13 14.97 4.77
CA PHE A 231 0.98 14.46 6.14
C PHE A 231 1.84 15.21 7.15
N ARG A 232 1.20 15.65 8.23
CA ARG A 232 1.85 16.16 9.43
C ARG A 232 1.03 15.71 10.65
N PRO A 233 1.69 15.07 11.64
CA PRO A 233 1.00 14.36 12.73
C PRO A 233 0.05 15.21 13.59
N VAL A 234 0.47 16.40 14.00
CA VAL A 234 -0.40 17.27 14.81
C VAL A 234 -1.58 17.82 13.98
N ASP A 235 -1.32 18.12 12.72
CA ASP A 235 -2.35 18.57 11.77
C ASP A 235 -3.40 17.48 11.50
N ALA A 236 -2.93 16.24 11.36
CA ALA A 236 -3.82 15.10 11.12
C ALA A 236 -4.75 14.86 12.30
N LEU A 237 -4.24 15.06 13.52
CA LEU A 237 -5.05 14.90 14.72
C LEU A 237 -6.06 16.03 14.88
N GLN A 238 -5.68 17.23 14.44
CA GLN A 238 -6.59 18.37 14.42
C GLN A 238 -7.78 18.11 13.51
N LEU A 239 -7.53 17.54 12.34
CA LEU A 239 -8.60 17.17 11.39
C LEU A 239 -9.52 16.09 11.96
N VAL A 240 -8.96 15.21 12.79
CA VAL A 240 -9.75 14.19 13.51
C VAL A 240 -10.83 14.85 14.38
N GLN A 241 -10.44 15.86 15.15
CA GLN A 241 -11.38 16.64 15.96
C GLN A 241 -12.29 17.51 15.10
N GLN A 242 -11.69 18.29 14.21
CA GLN A 242 -12.39 19.29 13.39
C GLN A 242 -13.40 18.68 12.41
N GLU A 243 -13.11 17.48 11.91
CA GLU A 243 -13.97 16.84 10.92
C GLU A 243 -14.73 15.65 11.48
N GLN A 244 -14.54 15.38 12.78
CA GLN A 244 -15.17 14.24 13.46
C GLN A 244 -14.87 12.94 12.70
N VAL A 245 -13.58 12.65 12.57
CA VAL A 245 -13.14 11.48 11.82
C VAL A 245 -13.51 10.20 12.56
N THR A 246 -14.09 9.25 11.82
CA THR A 246 -14.52 7.98 12.42
C THR A 246 -13.49 6.88 12.22
N SER A 247 -12.78 6.92 11.10
CA SER A 247 -11.76 5.91 10.82
C SER A 247 -10.55 6.50 10.11
N LEU A 248 -9.36 5.99 10.48
CA LEU A 248 -8.15 6.28 9.73
C LEU A 248 -7.37 5.01 9.44
N PHE A 249 -6.84 4.94 8.23
CA PHE A 249 -6.00 3.84 7.80
C PHE A 249 -4.65 4.47 7.46
N ALA A 250 -3.59 3.98 8.12
CA ALA A 250 -2.26 4.57 7.98
C ALA A 250 -1.11 3.56 8.11
N THR A 251 0.07 3.94 7.64
CA THR A 251 1.27 3.11 7.76
C THR A 251 1.79 3.15 9.21
N PRO A 252 2.57 2.12 9.61
CA PRO A 252 3.32 2.11 10.87
C PRO A 252 4.07 3.41 11.18
N THR A 253 4.61 4.05 10.14
CA THR A 253 5.37 5.30 10.31
C THR A 253 4.46 6.47 10.71
N HIS A 254 3.33 6.61 10.03
CA HIS A 254 2.36 7.64 10.39
C HIS A 254 1.89 7.44 11.82
N LEU A 255 1.60 6.18 12.17
CA LEU A 255 1.05 5.84 13.48
C LEU A 255 2.06 6.03 14.61
N ASP A 256 3.34 5.87 14.28
CA ASP A 256 4.40 6.21 15.23
C ASP A 256 4.36 7.71 15.48
N ALA A 257 4.28 8.49 14.40
CA ALA A 257 4.25 9.95 14.50
C ALA A 257 2.99 10.41 15.21
N LEU A 258 1.85 9.87 14.77
CA LEU A 258 0.54 10.27 15.28
C LEU A 258 0.35 9.98 16.77
N ALA A 259 0.83 8.84 17.24
CA ALA A 259 0.69 8.47 18.65
C ALA A 259 1.65 9.27 19.54
N ALA A 260 2.85 9.52 19.04
CA ALA A 260 3.81 10.36 19.73
C ALA A 260 3.29 11.80 19.81
N ALA A 261 2.62 12.26 18.74
CA ALA A 261 2.00 13.58 18.73
C ALA A 261 0.83 13.62 19.71
N ALA A 262 0.09 12.52 19.77
CA ALA A 262 -1.02 12.37 20.72
C ALA A 262 -0.54 12.34 22.18
N ALA A 263 0.78 12.41 22.36
CA ALA A 263 1.38 12.55 23.69
C ALA A 263 1.76 14.00 23.99
N HIS A 264 2.52 14.62 23.08
CA HIS A 264 2.93 16.02 23.22
C HIS A 264 1.72 16.96 23.24
N ALA A 265 0.78 16.70 22.33
CA ALA A 265 -0.53 17.34 22.37
C ALA A 265 -1.52 16.34 22.98
N GLY A 266 -1.71 16.46 24.29
CA GLY A 266 -2.47 15.48 25.08
C GLY A 266 -3.98 15.58 24.95
N SER A 267 -4.64 15.85 26.07
CA SER A 267 -6.10 16.01 26.10
C SER A 267 -6.58 17.36 25.55
N SER A 268 -5.64 18.09 24.95
CA SER A 268 -5.93 19.31 24.19
C SER A 268 -6.83 18.98 22.99
N LEU A 269 -6.48 17.91 22.27
CA LEU A 269 -7.23 17.45 21.11
C LEU A 269 -8.21 16.34 21.48
N LYS A 270 -9.48 16.51 21.10
CA LYS A 270 -10.48 15.47 21.33
C LYS A 270 -10.47 14.49 20.17
N LEU A 271 -10.10 13.24 20.46
CA LEU A 271 -10.01 12.19 19.45
C LEU A 271 -11.08 11.11 19.64
N ASP A 272 -12.14 11.44 20.37
CA ASP A 272 -13.17 10.46 20.75
C ASP A 272 -13.93 9.88 19.56
N SER A 273 -14.19 10.73 18.56
CA SER A 273 -14.95 10.33 17.37
C SER A 273 -14.26 9.21 16.58
N LEU A 274 -12.95 9.12 16.71
CA LEU A 274 -12.16 8.09 16.03
C LEU A 274 -12.41 6.72 16.64
N ARG A 275 -12.97 5.80 15.84
CA ARG A 275 -13.38 4.48 16.33
C ARG A 275 -12.59 3.35 15.69
N HIS A 276 -11.90 3.66 14.60
CA HIS A 276 -11.11 2.66 13.88
C HIS A 276 -9.73 3.20 13.54
N VAL A 277 -8.70 2.54 14.06
CA VAL A 277 -7.32 2.81 13.67
C VAL A 277 -6.81 1.54 13.02
N THR A 278 -6.63 1.59 11.70
CA THR A 278 -6.27 0.41 10.89
C THR A 278 -4.88 0.58 10.28
N PHE A 279 -4.19 -0.54 10.05
CA PHE A 279 -2.80 -0.55 9.54
C PHE A 279 -2.32 -1.90 9.04
N ALA A 280 -1.31 -1.87 8.14
CA ALA A 280 -0.55 -3.05 7.76
C ALA A 280 0.68 -3.17 8.67
N GLY A 281 0.53 -3.92 9.77
CA GLY A 281 1.53 -3.97 10.82
C GLY A 281 2.52 -5.11 10.83
N ALA A 282 2.52 -5.94 9.78
CA ALA A 282 3.49 -7.02 9.64
C ALA A 282 4.93 -6.56 9.92
N THR A 283 5.27 -5.37 9.47
CA THR A 283 6.61 -4.83 9.72
C THR A 283 6.59 -3.66 10.72
N MET A 284 5.61 -3.67 11.63
CA MET A 284 5.54 -2.69 12.72
C MET A 284 6.21 -3.26 13.96
N PRO A 285 7.28 -2.61 14.45
CA PRO A 285 7.97 -3.08 15.65
C PRO A 285 7.03 -3.10 16.85
N ASP A 286 7.34 -3.94 17.84
CA ASP A 286 6.48 -4.11 19.01
C ASP A 286 6.33 -2.85 19.87
N ALA A 287 7.33 -1.97 19.81
CA ALA A 287 7.30 -0.70 20.54
C ALA A 287 6.24 0.25 19.98
N VAL A 288 6.24 0.45 18.66
CA VAL A 288 5.27 1.30 17.99
C VAL A 288 3.83 0.84 18.28
N LEU A 289 3.62 -0.47 18.23
CA LEU A 289 2.32 -1.05 18.52
C LEU A 289 1.89 -0.74 19.97
N GLU A 290 2.78 -1.02 20.91
CA GLU A 290 2.55 -0.71 22.33
C GLU A 290 2.15 0.76 22.48
N THR A 291 2.91 1.63 21.82
CA THR A 291 2.65 3.07 21.79
C THR A 291 1.25 3.38 21.23
N VAL A 292 0.86 2.64 20.20
CA VAL A 292 -0.44 2.82 19.55
C VAL A 292 -1.62 2.44 20.47
N HIS A 293 -1.50 1.34 21.20
CA HIS A 293 -2.52 0.92 22.17
C HIS A 293 -2.63 1.89 23.34
N GLN A 294 -1.48 2.36 23.83
CA GLN A 294 -1.46 3.26 24.97
C GLN A 294 -2.03 4.65 24.65
N HIS A 295 -1.70 5.18 23.47
CA HIS A 295 -1.87 6.61 23.22
C HIS A 295 -2.86 7.02 22.14
N LEU A 296 -3.44 6.05 21.43
CA LEU A 296 -4.45 6.33 20.41
C LEU A 296 -5.81 5.67 20.68
N PRO A 297 -6.92 6.36 20.36
CA PRO A 297 -8.25 5.82 20.67
C PRO A 297 -8.73 4.87 19.59
N GLY A 298 -9.97 4.42 19.71
CA GLY A 298 -10.61 3.59 18.69
C GLY A 298 -10.09 2.16 18.65
N GLU A 299 -10.87 1.27 18.04
CA GLU A 299 -10.43 -0.11 17.89
C GLU A 299 -9.24 -0.18 16.94
N LYS A 300 -8.21 -0.90 17.39
CA LYS A 300 -7.00 -1.10 16.60
C LYS A 300 -7.16 -2.39 15.81
N VAL A 301 -7.02 -2.30 14.49
CA VAL A 301 -7.08 -3.49 13.63
C VAL A 301 -5.85 -3.61 12.72
N ASN A 302 -5.11 -4.69 12.91
CA ASN A 302 -3.99 -5.04 12.05
C ASN A 302 -4.51 -5.74 10.81
N ILE A 303 -3.95 -5.37 9.65
CA ILE A 303 -4.42 -5.85 8.35
C ILE A 303 -3.23 -6.34 7.51
N TYR A 304 -3.33 -7.56 7.01
CA TYR A 304 -2.36 -8.06 6.05
C TYR A 304 -3.01 -8.16 4.67
N GLY A 305 -2.32 -7.62 3.68
CA GLY A 305 -2.79 -7.70 2.31
C GLY A 305 -1.72 -7.49 1.27
N THR A 306 -2.10 -7.65 0.00
CA THR A 306 -1.19 -7.45 -1.11
C THR A 306 -1.97 -6.71 -2.18
N THR A 307 -1.27 -5.98 -3.04
CA THR A 307 -1.87 -5.37 -4.23
C THR A 307 -2.67 -6.40 -5.04
N GLU A 308 -2.09 -7.59 -5.19
CA GLU A 308 -2.66 -8.65 -6.03
C GLU A 308 -3.97 -9.26 -5.52
N ALA A 309 -4.11 -9.49 -4.21
CA ALA A 309 -5.34 -10.09 -3.69
C ALA A 309 -6.13 -9.26 -2.65
N MET A 310 -5.68 -8.03 -2.39
CA MET A 310 -6.20 -7.21 -1.29
C MET A 310 -6.06 -7.90 0.06
N ASN A 311 -7.15 -8.06 0.80
CA ASN A 311 -7.05 -8.49 2.20
C ASN A 311 -7.03 -10.00 2.40
N SER A 312 -6.01 -10.49 3.10
CA SER A 312 -5.86 -11.94 3.33
C SER A 312 -5.83 -12.40 4.78
N LEU A 313 -5.41 -11.52 5.69
CA LEU A 313 -5.36 -11.84 7.12
C LEU A 313 -5.68 -10.59 7.91
N TYR A 314 -6.11 -10.76 9.16
CA TYR A 314 -6.30 -9.63 10.07
C TYR A 314 -6.26 -10.03 11.53
N MET A 315 -6.27 -9.02 12.41
CA MET A 315 -6.33 -9.20 13.84
C MET A 315 -6.98 -7.99 14.51
N ARG A 316 -8.02 -8.25 15.31
CA ARG A 316 -8.62 -7.22 16.15
C ARG A 316 -7.77 -7.10 17.42
N GLN A 317 -7.63 -5.88 17.92
CA GLN A 317 -6.83 -5.58 19.13
C GLN A 317 -5.55 -6.41 19.25
N PRO A 318 -4.62 -6.22 18.29
CA PRO A 318 -3.44 -7.10 18.18
C PRO A 318 -2.45 -6.91 19.33
N LYS A 319 -1.94 -8.03 19.86
CA LYS A 319 -0.88 -8.00 20.87
C LYS A 319 0.50 -8.03 20.19
N THR A 320 0.53 -8.54 18.96
CA THR A 320 1.76 -8.63 18.17
C THR A 320 1.43 -8.38 16.70
N GLY A 321 2.25 -7.57 16.04
CA GLY A 321 2.01 -7.15 14.67
C GLY A 321 2.27 -8.21 13.61
N THR A 322 2.79 -9.36 14.02
CA THR A 322 3.16 -10.43 13.09
C THR A 322 2.08 -11.51 12.91
N GLU A 323 1.26 -11.69 13.94
CA GLU A 323 0.28 -12.78 14.00
C GLU A 323 -1.14 -12.33 13.64
N MET A 324 -1.72 -12.97 12.63
CA MET A 324 -3.03 -12.61 12.11
C MET A 324 -3.78 -13.85 11.60
N ALA A 325 -5.08 -13.70 11.39
CA ALA A 325 -5.95 -14.79 10.95
C ALA A 325 -6.83 -14.34 9.79
N PRO A 326 -7.16 -15.25 8.85
CA PRO A 326 -7.93 -14.86 7.67
C PRO A 326 -9.35 -14.46 8.00
N GLY A 327 -9.87 -13.46 7.28
CA GLY A 327 -11.27 -13.04 7.44
C GLY A 327 -12.15 -13.38 6.24
N PHE A 328 -13.27 -12.67 6.15
CA PHE A 328 -14.24 -12.92 5.09
C PHE A 328 -13.62 -12.67 3.72
N PHE A 329 -14.09 -13.45 2.73
CA PHE A 329 -13.55 -13.54 1.35
C PHE A 329 -12.30 -14.41 1.24
N SER A 330 -11.59 -14.66 2.34
CA SER A 330 -10.23 -15.24 2.26
C SER A 330 -10.14 -16.75 2.53
N GLU A 331 -9.16 -17.36 1.88
CA GLU A 331 -8.83 -18.77 2.05
C GLU A 331 -7.31 -18.84 1.92
N VAL A 332 -6.64 -19.40 2.92
CA VAL A 332 -5.16 -19.36 2.95
C VAL A 332 -4.53 -20.72 3.24
N ARG A 333 -3.34 -20.93 2.68
CA ARG A 333 -2.53 -22.10 2.97
C ARG A 333 -1.11 -21.65 3.18
N ILE A 334 -0.33 -22.47 3.89
CA ILE A 334 1.11 -22.33 3.98
C ILE A 334 1.71 -23.62 3.42
N VAL A 335 2.51 -23.47 2.36
CA VAL A 335 3.06 -24.61 1.64
C VAL A 335 4.57 -24.60 1.69
N ARG A 336 5.18 -25.76 1.47
CA ARG A 336 6.63 -25.88 1.40
C ARG A 336 7.18 -24.91 0.37
N ILE A 337 8.28 -24.24 0.71
CA ILE A 337 8.83 -23.19 -0.14
C ILE A 337 9.32 -23.77 -1.47
N GLY A 338 8.87 -23.17 -2.56
CA GLY A 338 9.24 -23.59 -3.91
C GLY A 338 8.45 -24.79 -4.41
N GLY A 339 7.55 -25.32 -3.58
CA GLY A 339 6.75 -26.49 -3.94
C GLY A 339 5.39 -26.13 -4.52
N GLY A 340 4.60 -27.16 -4.84
CA GLY A 340 3.26 -26.98 -5.40
C GLY A 340 2.26 -26.45 -4.38
N VAL A 341 1.12 -25.97 -4.89
CA VAL A 341 0.09 -25.33 -4.04
C VAL A 341 -0.64 -26.30 -3.10
N ASP A 342 -0.48 -27.59 -3.35
CA ASP A 342 -1.12 -28.64 -2.56
C ASP A 342 -0.19 -29.24 -1.52
N GLU A 343 0.99 -28.65 -1.33
CA GLU A 343 2.00 -29.19 -0.42
C GLU A 343 1.98 -28.51 0.95
N ILE A 344 0.86 -28.63 1.67
CA ILE A 344 0.72 -28.04 3.01
C ILE A 344 1.87 -28.45 3.93
N VAL A 345 2.44 -27.48 4.66
CA VAL A 345 3.53 -27.76 5.60
C VAL A 345 3.06 -28.59 6.79
N ALA A 346 4.03 -29.16 7.52
CA ALA A 346 3.74 -30.02 8.68
C ALA A 346 3.14 -29.27 9.88
N ASN A 347 2.45 -28.16 9.58
CA ASN A 347 1.72 -27.35 10.55
C ASN A 347 2.56 -26.81 11.71
N GLY A 348 3.88 -26.80 11.52
CA GLY A 348 4.83 -26.25 12.47
C GLY A 348 6.03 -25.78 11.68
N GLU A 349 6.15 -26.32 10.47
CA GLU A 349 7.18 -25.94 9.51
C GLU A 349 6.89 -24.56 8.94
N GLU A 350 7.91 -23.98 8.33
CA GLU A 350 7.80 -22.68 7.70
C GLU A 350 7.56 -22.88 6.21
N GLY A 351 6.76 -21.99 5.63
CA GLY A 351 6.48 -22.05 4.20
C GLY A 351 5.95 -20.75 3.63
N GLU A 352 5.61 -20.78 2.35
CA GLU A 352 5.08 -19.61 1.66
C GLU A 352 3.59 -19.49 1.88
N LEU A 353 3.16 -18.29 2.24
CA LEU A 353 1.74 -18.01 2.34
C LEU A 353 1.15 -17.88 0.94
N ILE A 354 0.17 -18.71 0.65
CA ILE A 354 -0.63 -18.56 -0.56
C ILE A 354 -2.07 -18.32 -0.16
N VAL A 355 -2.77 -17.50 -0.93
CA VAL A 355 -4.16 -17.16 -0.65
C VAL A 355 -4.99 -17.42 -1.90
N ALA A 356 -6.21 -17.93 -1.74
CA ALA A 356 -7.03 -18.28 -2.90
C ALA A 356 -7.22 -17.06 -3.79
N ALA A 357 -7.12 -17.27 -5.09
CA ALA A 357 -7.29 -16.20 -6.07
C ALA A 357 -8.72 -16.19 -6.59
N SER A 358 -9.56 -15.40 -5.91
CA SER A 358 -10.97 -15.29 -6.25
C SER A 358 -11.33 -13.87 -6.70
N ASP A 359 -12.52 -13.41 -6.34
CA ASP A 359 -13.08 -12.17 -6.87
C ASP A 359 -12.15 -10.96 -6.76
N SER A 360 -11.51 -10.81 -5.61
CA SER A 360 -10.67 -9.64 -5.36
C SER A 360 -9.32 -9.70 -6.08
N ALA A 361 -8.96 -10.88 -6.60
CA ALA A 361 -7.64 -11.10 -7.18
C ALA A 361 -7.41 -10.39 -8.52
N PHE A 362 -6.15 -10.03 -8.77
CA PHE A 362 -5.77 -9.44 -10.04
C PHE A 362 -5.80 -10.49 -11.14
N VAL A 363 -5.92 -10.05 -12.39
CA VAL A 363 -5.99 -11.00 -13.52
C VAL A 363 -4.66 -11.14 -14.27
N GLY A 364 -3.59 -10.62 -13.68
CA GLY A 364 -2.25 -10.73 -14.25
C GLY A 364 -1.46 -9.44 -14.24
N TYR A 365 -0.17 -9.55 -14.58
CA TYR A 365 0.70 -8.40 -14.75
C TYR A 365 0.76 -8.03 -16.23
N LEU A 366 0.39 -6.79 -16.53
CA LEU A 366 0.38 -6.29 -17.91
C LEU A 366 1.72 -6.51 -18.62
N ASN A 367 1.65 -7.17 -19.77
CA ASN A 367 2.81 -7.47 -20.62
C ASN A 367 3.94 -8.26 -19.93
N GLN A 368 3.57 -9.03 -18.90
CA GLN A 368 4.53 -9.88 -18.18
C GLN A 368 3.96 -11.26 -17.86
N PRO A 369 3.79 -12.11 -18.89
CA PRO A 369 3.18 -13.44 -18.72
C PRO A 369 4.00 -14.38 -17.83
N GLN A 370 5.33 -14.24 -17.87
CA GLN A 370 6.22 -15.07 -17.04
C GLN A 370 6.04 -14.78 -15.54
N ALA A 371 6.03 -13.49 -15.18
CA ALA A 371 5.81 -13.08 -13.79
C ALA A 371 4.43 -13.54 -13.30
N THR A 372 3.42 -13.34 -14.13
CA THR A 372 2.06 -13.78 -13.83
C THR A 372 2.02 -15.29 -13.54
N ALA A 373 2.75 -16.07 -14.34
CA ALA A 373 2.83 -17.52 -14.18
C ALA A 373 3.45 -17.95 -12.85
N GLU A 374 4.45 -17.19 -12.39
CA GLU A 374 5.10 -17.45 -11.10
C GLU A 374 4.19 -17.12 -9.90
N LYS A 375 3.16 -16.31 -10.13
CA LYS A 375 2.30 -15.79 -9.06
C LYS A 375 0.86 -16.35 -9.01
N LEU A 376 0.23 -16.53 -10.16
CA LEU A 376 -1.10 -17.16 -10.21
C LEU A 376 -0.95 -18.61 -10.63
N GLN A 377 -1.06 -19.51 -9.66
CA GLN A 377 -0.90 -20.94 -9.91
C GLN A 377 -2.10 -21.74 -9.41
N ASP A 378 -2.78 -22.40 -10.34
CA ASP A 378 -3.89 -23.31 -10.04
C ASP A 378 -4.93 -22.73 -9.05
N GLY A 379 -5.27 -21.46 -9.27
CA GLY A 379 -6.28 -20.79 -8.46
C GLY A 379 -5.80 -20.19 -7.16
N TRP A 380 -4.49 -20.13 -6.96
CA TRP A 380 -3.91 -19.54 -5.76
C TRP A 380 -2.97 -18.39 -6.13
N TYR A 381 -2.92 -17.38 -5.26
CA TYR A 381 -1.92 -16.33 -5.38
C TYR A 381 -0.78 -16.55 -4.38
N ARG A 382 0.44 -16.56 -4.90
CA ARG A 382 1.64 -16.70 -4.07
C ARG A 382 2.11 -15.33 -3.57
N THR A 383 2.00 -15.11 -2.26
CA THR A 383 2.42 -13.84 -1.64
C THR A 383 3.93 -13.57 -1.70
N SER A 384 4.74 -14.62 -1.74
CA SER A 384 6.20 -14.55 -1.55
C SER A 384 6.59 -14.18 -0.11
N ASP A 385 5.68 -14.43 0.82
CA ASP A 385 5.95 -14.19 2.23
C ASP A 385 6.10 -15.53 2.96
N VAL A 386 7.06 -15.60 3.86
CA VAL A 386 7.24 -16.79 4.70
C VAL A 386 6.37 -16.66 5.93
N ALA A 387 5.71 -17.76 6.30
CA ALA A 387 4.81 -17.77 7.43
C ALA A 387 4.84 -19.11 8.16
N VAL A 388 4.31 -19.11 9.37
CA VAL A 388 4.15 -20.32 10.17
C VAL A 388 2.81 -20.31 10.90
N TRP A 389 2.22 -21.48 11.10
CA TRP A 389 1.02 -21.61 11.93
C TRP A 389 1.43 -21.68 13.41
N THR A 390 0.81 -20.82 14.21
CA THR A 390 1.11 -20.70 15.63
C THR A 390 0.31 -21.71 16.44
N PRO A 391 0.64 -21.89 17.74
CA PRO A 391 -0.17 -22.73 18.61
C PRO A 391 -1.64 -22.29 18.70
N GLU A 392 -1.88 -20.98 18.73
CA GLU A 392 -3.25 -20.45 18.83
C GLU A 392 -4.08 -20.63 17.55
N GLY A 393 -3.50 -21.25 16.54
CA GLY A 393 -4.19 -21.48 15.27
C GLY A 393 -4.20 -20.26 14.36
N THR A 394 -3.22 -19.38 14.53
CA THR A 394 -3.08 -18.16 13.72
C THR A 394 -1.83 -18.20 12.84
N VAL A 395 -1.70 -17.24 11.93
CA VAL A 395 -0.58 -17.17 11.00
C VAL A 395 0.38 -16.06 11.40
N ARG A 396 1.63 -16.43 11.65
CA ARG A 396 2.69 -15.47 11.95
C ARG A 396 3.56 -15.20 10.72
N ILE A 397 3.55 -13.95 10.27
CA ILE A 397 4.35 -13.51 9.12
C ILE A 397 5.80 -13.31 9.56
N LEU A 398 6.72 -14.04 8.93
CA LEU A 398 8.12 -14.05 9.35
C LEU A 398 8.98 -13.08 8.55
N GLY A 399 8.71 -13.00 7.24
CA GLY A 399 9.44 -12.10 6.35
C GLY A 399 9.26 -12.54 4.91
N ARG A 400 9.97 -11.89 4.00
CA ARG A 400 9.88 -12.20 2.58
C ARG A 400 10.76 -13.39 2.19
N VAL A 401 10.23 -14.24 1.31
CA VAL A 401 10.99 -15.35 0.72
C VAL A 401 12.31 -14.89 0.09
N PRO A 402 12.27 -13.83 -0.76
CA PRO A 402 13.52 -13.31 -1.32
C PRO A 402 14.53 -12.75 -0.30
N ASP A 403 14.05 -12.29 0.86
CA ASP A 403 14.96 -11.80 1.90
C ASP A 403 15.46 -12.92 2.82
N MET A 404 14.92 -14.12 2.69
CA MET A 404 15.27 -15.22 3.59
C MET A 404 16.73 -15.65 3.45
N ILE A 405 17.40 -15.80 4.59
CA ILE A 405 18.76 -16.34 4.64
C ILE A 405 18.70 -17.76 5.23
N ILE A 406 19.50 -18.67 4.69
CA ILE A 406 19.64 -20.01 5.25
C ILE A 406 21.11 -20.29 5.55
N SER A 407 21.41 -20.45 6.84
CA SER A 407 22.78 -20.66 7.31
C SER A 407 22.91 -22.05 7.93
N GLY A 408 23.25 -23.02 7.08
CA GLY A 408 23.51 -24.40 7.50
C GLY A 408 22.31 -25.12 8.07
N GLY A 409 21.27 -25.27 7.26
CA GLY A 409 20.08 -26.03 7.64
C GLY A 409 18.95 -25.19 8.21
N GLU A 410 19.30 -24.21 9.05
CA GLU A 410 18.31 -23.40 9.76
C GLU A 410 17.94 -22.13 9.00
N ASN A 411 16.63 -21.93 8.80
CA ASN A 411 16.10 -20.74 8.13
C ASN A 411 16.12 -19.53 9.05
N ILE A 412 16.54 -18.39 8.51
CA ILE A 412 16.82 -17.19 9.29
C ILE A 412 16.19 -15.95 8.64
N HIS A 413 15.44 -15.18 9.41
CA HIS A 413 14.70 -14.04 8.84
C HIS A 413 15.23 -12.69 9.29
N PRO A 414 15.92 -11.98 8.38
CA PRO A 414 16.65 -10.74 8.67
C PRO A 414 15.79 -9.68 9.36
N SER A 415 14.50 -9.66 9.07
CA SER A 415 13.56 -8.76 9.76
C SER A 415 13.55 -8.98 11.28
N GLU A 416 13.72 -10.22 11.74
CA GLU A 416 13.80 -10.49 13.17
C GLU A 416 15.06 -9.87 13.78
N ILE A 417 16.20 -10.09 13.14
CA ILE A 417 17.49 -9.58 13.61
C ILE A 417 17.56 -8.06 13.56
N GLU A 418 16.93 -7.48 12.53
CA GLU A 418 16.80 -6.03 12.36
C GLU A 418 16.03 -5.35 13.50
N ARG A 419 14.97 -5.99 13.99
CA ARG A 419 14.18 -5.46 15.11
C ARG A 419 14.98 -5.45 16.41
N VAL A 420 15.81 -6.48 16.61
CA VAL A 420 16.66 -6.55 17.79
C VAL A 420 17.77 -5.49 17.74
N LEU A 421 18.55 -5.52 16.66
CA LEU A 421 19.63 -4.54 16.45
C LEU A 421 19.17 -3.08 16.37
N GLY A 422 17.93 -2.86 15.93
CA GLY A 422 17.37 -1.51 15.90
C GLY A 422 17.13 -0.94 17.28
N THR A 423 17.07 -1.79 18.29
CA THR A 423 16.93 -1.33 19.69
C THR A 423 18.29 -1.05 20.33
N ALA A 424 19.37 -1.47 19.68
CA ALA A 424 20.72 -1.26 20.19
C ALA A 424 21.04 0.24 20.22
N PRO A 425 21.67 0.70 21.32
CA PRO A 425 21.92 2.13 21.48
C PRO A 425 22.87 2.65 20.41
N GLY A 426 22.56 3.81 19.85
CA GLY A 426 23.35 4.39 18.78
C GLY A 426 23.09 3.86 17.37
N VAL A 427 22.12 2.97 17.23
CA VAL A 427 21.75 2.45 15.91
C VAL A 427 20.58 3.27 15.38
N THR A 428 20.74 3.85 14.20
CA THR A 428 19.61 4.56 13.58
C THR A 428 18.94 3.79 12.45
N GLU A 429 19.68 2.85 11.85
CA GLU A 429 19.18 2.05 10.72
C GLU A 429 20.00 0.78 10.55
N VAL A 430 19.31 -0.33 10.28
CA VAL A 430 19.96 -1.63 10.11
C VAL A 430 19.28 -2.49 9.07
N VAL A 431 20.07 -3.04 8.16
CA VAL A 431 19.61 -4.07 7.23
C VAL A 431 20.53 -5.27 7.40
N VAL A 432 19.91 -6.44 7.55
CA VAL A 432 20.63 -7.70 7.66
C VAL A 432 20.46 -8.49 6.37
N ILE A 433 21.59 -8.88 5.78
CA ILE A 433 21.63 -9.64 4.54
C ILE A 433 22.48 -10.88 4.75
N GLY A 434 22.36 -11.84 3.85
CA GLY A 434 23.21 -13.03 3.88
C GLY A 434 24.23 -12.99 2.77
N LEU A 435 25.50 -12.98 3.13
CA LEU A 435 26.58 -13.05 2.15
C LEU A 435 26.84 -14.50 1.78
N ALA A 436 27.26 -14.72 0.53
CA ALA A 436 27.56 -16.07 0.04
C ALA A 436 28.72 -16.71 0.82
N ASP A 437 28.51 -17.96 1.23
CA ASP A 437 29.47 -18.71 2.02
C ASP A 437 29.42 -20.18 1.57
N GLN A 438 30.58 -20.82 1.48
CA GLN A 438 30.63 -22.23 1.12
C GLN A 438 31.09 -23.10 2.29
N ARG A 439 30.57 -22.80 3.47
CA ARG A 439 30.81 -23.56 4.70
C ARG A 439 29.56 -23.52 5.58
N TRP A 440 29.07 -22.30 5.86
CA TRP A 440 27.79 -22.12 6.53
C TRP A 440 26.63 -22.15 5.54
N GLY A 441 26.93 -21.96 4.25
CA GLY A 441 25.91 -21.88 3.21
C GLY A 441 25.61 -20.44 2.85
N GLN A 442 25.21 -19.67 3.86
CA GLN A 442 25.09 -18.21 3.77
C GLN A 442 25.45 -17.62 5.12
N SER A 443 26.23 -16.53 5.10
CA SER A 443 26.69 -15.92 6.34
C SER A 443 25.88 -14.66 6.66
N VAL A 444 25.16 -14.69 7.78
CA VAL A 444 24.33 -13.56 8.16
C VAL A 444 25.21 -12.38 8.53
N THR A 445 24.89 -11.24 7.93
CA THR A 445 25.69 -10.03 8.04
C THR A 445 24.80 -8.83 8.34
N ALA A 446 25.22 -8.00 9.28
CA ALA A 446 24.48 -6.78 9.63
C ALA A 446 25.16 -5.54 9.06
N CYS A 447 24.39 -4.73 8.37
CA CYS A 447 24.85 -3.45 7.87
C CYS A 447 24.16 -2.37 8.67
N VAL A 448 24.95 -1.61 9.42
CA VAL A 448 24.40 -0.75 10.46
C VAL A 448 24.85 0.70 10.29
N VAL A 449 23.88 1.61 10.43
CA VAL A 449 24.13 3.04 10.35
C VAL A 449 24.03 3.67 11.76
N PRO A 450 25.10 4.38 12.18
CA PRO A 450 25.09 5.04 13.49
C PRO A 450 24.26 6.31 13.53
N ARG A 451 23.74 6.64 14.70
CA ARG A 451 23.09 7.93 14.94
C ARG A 451 24.08 9.08 14.76
N LEU A 452 23.56 10.26 14.42
CA LEU A 452 24.37 11.44 14.16
C LEU A 452 25.45 11.66 15.23
N GLY A 453 26.71 11.55 14.81
CA GLY A 453 27.85 11.85 15.66
C GLY A 453 28.34 10.69 16.50
N GLU A 454 27.52 9.64 16.57
CA GLU A 454 27.87 8.46 17.34
C GLU A 454 28.71 7.47 16.53
N THR A 455 29.48 6.66 17.24
CA THR A 455 30.30 5.62 16.63
C THR A 455 29.82 4.25 17.12
N LEU A 456 29.80 3.28 16.21
CA LEU A 456 29.47 1.90 16.57
C LEU A 456 30.71 1.01 16.45
N SER A 457 30.70 -0.12 17.16
CA SER A 457 31.72 -1.12 16.97
C SER A 457 31.08 -2.49 16.82
N ALA A 458 31.71 -3.33 15.99
CA ALA A 458 31.26 -4.70 15.77
C ALA A 458 31.22 -5.48 17.09
N ASP A 459 32.19 -5.21 17.96
CA ASP A 459 32.25 -5.85 19.27
C ASP A 459 31.04 -5.50 20.16
N ALA A 460 30.77 -4.21 20.31
CA ALA A 460 29.67 -3.75 21.16
C ALA A 460 28.31 -4.27 20.69
N LEU A 461 28.09 -4.25 19.37
CA LEU A 461 26.86 -4.77 18.80
C LEU A 461 26.72 -6.28 19.01
N ASP A 462 27.83 -7.00 18.87
CA ASP A 462 27.86 -8.44 19.14
C ASP A 462 27.49 -8.73 20.60
N THR A 463 28.08 -7.96 21.51
CA THR A 463 27.78 -8.09 22.93
C THR A 463 26.29 -7.84 23.18
N PHE A 464 25.76 -6.78 22.55
CA PHE A 464 24.33 -6.48 22.65
C PHE A 464 23.47 -7.66 22.17
N CYS A 465 23.75 -8.15 20.97
CA CYS A 465 23.08 -9.34 20.42
C CYS A 465 23.12 -10.54 21.35
N ARG A 466 24.28 -10.78 21.97
CA ARG A 466 24.45 -11.91 22.88
C ARG A 466 23.58 -11.81 24.14
N SER A 467 23.25 -10.58 24.53
CA SER A 467 22.32 -10.33 25.64
C SER A 467 20.85 -10.52 25.26
N SER A 468 20.57 -10.49 23.96
CA SER A 468 19.19 -10.48 23.47
C SER A 468 18.60 -11.88 23.33
N GLU A 469 17.34 -11.94 22.91
CA GLU A 469 16.59 -13.19 22.78
C GLU A 469 17.09 -14.10 21.66
N LEU A 470 17.90 -13.55 20.76
CA LEU A 470 18.34 -14.27 19.56
C LEU A 470 19.04 -15.60 19.87
N ALA A 471 18.54 -16.66 19.24
CA ALA A 471 19.23 -17.95 19.28
C ALA A 471 20.59 -17.82 18.61
N ASP A 472 21.58 -18.52 19.16
CA ASP A 472 22.99 -18.40 18.74
C ASP A 472 23.22 -18.34 17.23
N PHE A 473 22.54 -19.22 16.48
CA PHE A 473 22.73 -19.35 15.03
C PHE A 473 22.24 -18.12 14.25
N LYS A 474 21.43 -17.28 14.89
CA LYS A 474 20.88 -16.09 14.25
C LYS A 474 21.79 -14.87 14.35
N ARG A 475 22.66 -14.85 15.35
CA ARG A 475 23.60 -13.73 15.53
C ARG A 475 24.43 -13.49 14.27
N PRO A 476 24.50 -12.23 13.80
CA PRO A 476 25.37 -11.89 12.67
C PRO A 476 26.80 -12.37 12.87
N LYS A 477 27.42 -12.84 11.78
CA LYS A 477 28.81 -13.27 11.82
C LYS A 477 29.73 -12.11 11.52
N ARG A 478 29.18 -11.03 10.99
CA ARG A 478 29.97 -9.89 10.54
C ARG A 478 29.16 -8.61 10.52
N TYR A 479 29.82 -7.49 10.74
CA TYR A 479 29.17 -6.18 10.76
C TYR A 479 29.84 -5.22 9.81
N PHE A 480 29.04 -4.47 9.07
CA PHE A 480 29.55 -3.36 8.29
C PHE A 480 28.84 -2.13 8.80
N ILE A 481 29.62 -1.17 9.29
CA ILE A 481 29.07 0.11 9.74
C ILE A 481 29.18 1.11 8.59
N LEU A 482 28.04 1.69 8.23
CA LEU A 482 27.93 2.50 7.02
C LEU A 482 27.40 3.88 7.32
N ASP A 483 27.84 4.86 6.52
CA ASP A 483 27.33 6.23 6.59
C ASP A 483 25.87 6.28 6.21
N GLN A 484 25.49 5.46 5.22
CA GLN A 484 24.12 5.38 4.73
C GLN A 484 23.89 4.06 4.00
N LEU A 485 22.62 3.69 3.86
CA LEU A 485 22.25 2.52 3.06
C LEU A 485 21.71 2.99 1.71
N PRO A 486 22.16 2.35 0.61
CA PRO A 486 21.65 2.70 -0.71
C PRO A 486 20.17 2.35 -0.81
N LYS A 487 19.36 3.34 -1.16
CA LYS A 487 17.92 3.18 -1.25
C LYS A 487 17.41 3.75 -2.57
N ASN A 488 16.35 3.16 -3.10
CA ASN A 488 15.72 3.70 -4.30
C ASN A 488 15.01 5.02 -4.00
N ALA A 489 14.28 5.56 -4.97
CA ALA A 489 13.62 6.84 -4.82
C ALA A 489 12.40 6.81 -3.89
N LEU A 490 11.96 5.62 -3.49
CA LEU A 490 10.61 5.47 -2.90
C LEU A 490 10.31 4.21 -2.05
N ASN A 491 11.01 3.94 -0.95
CA ASN A 491 12.18 4.65 -0.43
C ASN A 491 12.87 3.59 0.43
N LYS A 492 13.11 2.43 -0.19
CA LYS A 492 13.46 1.21 0.54
C LYS A 492 14.83 0.67 0.13
N VAL A 493 15.39 -0.18 0.98
CA VAL A 493 16.75 -0.69 0.81
C VAL A 493 16.90 -1.62 -0.40
N LEU A 494 17.97 -1.40 -1.16
CA LEU A 494 18.33 -2.26 -2.29
C LEU A 494 19.20 -3.42 -1.84
N ARG A 495 18.56 -4.54 -1.48
CA ARG A 495 19.26 -5.73 -0.97
C ARG A 495 20.11 -6.47 -2.01
N ARG A 496 20.16 -5.93 -3.23
CA ARG A 496 21.03 -6.47 -4.27
C ARG A 496 22.28 -5.60 -4.40
N GLN A 497 22.07 -4.28 -4.43
CA GLN A 497 23.18 -3.33 -4.58
C GLN A 497 24.05 -3.22 -3.34
N LEU A 498 23.44 -3.40 -2.16
CA LEU A 498 24.16 -3.38 -0.89
C LEU A 498 25.15 -4.54 -0.78
N VAL A 499 24.69 -5.74 -1.09
CA VAL A 499 25.53 -6.95 -1.10
C VAL A 499 26.77 -6.79 -1.99
N GLN A 500 26.59 -6.11 -3.13
CA GLN A 500 27.69 -5.80 -4.04
C GLN A 500 28.61 -4.73 -3.47
N GLN A 501 28.00 -3.69 -2.88
CA GLN A 501 28.73 -2.59 -2.24
C GLN A 501 29.55 -3.06 -1.04
N VAL A 502 29.10 -4.14 -0.41
CA VAL A 502 29.77 -4.72 0.75
C VAL A 502 31.09 -5.41 0.37
N SER A 503 31.15 -5.95 -0.85
CA SER A 503 32.38 -6.58 -1.37
C SER A 503 33.48 -5.55 -1.67
N SER A 504 33.59 -5.13 -2.93
CA SER A 504 34.64 -4.20 -3.37
C SER A 504 34.41 -2.78 -2.84
CL4 174 B . -5.80 -4.98 2.41
C4 174 B . -4.12 -4.63 1.94
C5 174 B . -3.18 -4.40 2.95
C6 174 B . -1.86 -4.13 2.63
C3 174 B . -3.73 -4.57 0.59
C2 174 B . -2.39 -4.29 0.27
C1 174 B . -1.46 -4.08 1.30
C 174 B . -0.02 -3.79 1.01
O1 174 B . 0.38 -3.68 -0.19
O2 174 B . 0.76 -3.67 1.99
#